data_4LAY
#
_entry.id   4LAY
#
_cell.length_a   47.592
_cell.length_b   42.351
_cell.length_c   76.811
_cell.angle_alpha   90.000
_cell.angle_beta   105.750
_cell.angle_gamma   90.000
#
_symmetry.space_group_name_H-M   'P 1 21 1'
#
loop_
_entity.id
_entity.type
_entity.pdbx_description
1 polymer 'Peptidyl-prolyl cis-trans isomerase FKBP4'
2 non-polymer '{3-[(1R)-3-(3,4-dimethoxyphenyl)-1-({[(2S)-1-(3,3-dimethyl-2-oxopentanoyl)piperidin-2-yl]carbonyl}oxy)propyl]phenoxy}acetic acid'
3 water water
#
_entity_poly.entity_id   1
_entity_poly.type   'polypeptide(L)'
_entity_poly.pdbx_seq_one_letter_code
;MGSSHHHHHHSSGLVPRGSHMTAEEMKATESGAQSAPLPMEGVDISPKQDEGVLKVIKREGTGTEMPMIGDRVFVHYTGW
LLDGTKFDSSLDRKDKFSFDLGKGEVIKAWDIAIATMKVGEVCHITCKPEYAYGSAGSPPKIPPNATLVFEVELFEFKGE
DLTEEEDGGIIRRIQTRGEGYAKPNEGAIVEVALEGYYKDKLFDQRELRFEIGEGENLDLPYGLERAIQRMEKGEHSIVY
LKPSYAFGSVGKEKFQIPPNAELKYELHLKSFEKAKESWE
;
_entity_poly.pdbx_strand_id   A
#
loop_
_chem_comp.id
_chem_comp.type
_chem_comp.name
_chem_comp.formula
I63 non-polymer '{3-[(1R)-3-(3,4-dimethoxyphenyl)-1-({[(2S)-1-(3,3-dimethyl-2-oxopentanoyl)piperidin-2-yl]carbonyl}oxy)propyl]phenoxy}acetic acid' 'C32 H41 N O9'
#
# COMPACT_ATOMS: atom_id res chain seq x y z
N GLY A 42 17.02 21.01 -5.71
CA GLY A 42 16.22 19.75 -5.57
C GLY A 42 16.00 19.03 -6.89
N VAL A 43 15.72 17.73 -6.79
CA VAL A 43 15.41 16.89 -7.94
C VAL A 43 13.90 16.89 -8.16
N ASP A 44 13.50 17.14 -9.41
CA ASP A 44 12.09 17.11 -9.78
C ASP A 44 11.61 15.67 -9.80
N ILE A 45 10.78 15.32 -8.81
CA ILE A 45 10.23 13.97 -8.73
C ILE A 45 8.75 13.88 -9.16
N SER A 46 8.20 14.97 -9.71
CA SER A 46 6.82 14.95 -10.21
C SER A 46 6.74 14.09 -11.46
N PRO A 47 5.75 13.17 -11.54
CA PRO A 47 5.49 12.40 -12.77
C PRO A 47 5.42 13.24 -14.07
N LYS A 48 4.81 14.42 -14.02
CA LYS A 48 4.71 15.29 -15.21
C LYS A 48 5.98 16.10 -15.47
N GLN A 49 6.95 16.01 -14.57
CA GLN A 49 8.18 16.79 -14.65
C GLN A 49 7.89 18.27 -14.87
N ASP A 50 7.01 18.83 -14.03
CA ASP A 50 6.65 20.24 -14.14
C ASP A 50 7.16 21.01 -12.94
N GLU A 51 8.14 20.41 -12.26
CA GLU A 51 8.73 20.96 -11.04
C GLU A 51 7.70 21.11 -9.93
N GLY A 52 6.64 20.32 -10.01
CA GLY A 52 5.58 20.32 -8.99
C GLY A 52 6.00 19.79 -7.63
N VAL A 53 6.96 18.87 -7.61
CA VAL A 53 7.49 18.30 -6.35
C VAL A 53 9.01 18.19 -6.51
N LEU A 54 9.74 18.95 -5.70
CA LEU A 54 11.21 18.98 -5.77
C LEU A 54 11.74 18.41 -4.48
N LYS A 55 12.65 17.44 -4.58
CA LYS A 55 13.13 16.70 -3.42
C LYS A 55 14.62 16.91 -3.22
N VAL A 56 14.99 17.30 -2.01
CA VAL A 56 16.40 17.35 -1.61
C VAL A 56 16.61 16.37 -0.47
N ILE A 57 17.59 15.47 -0.62
CA ILE A 57 17.83 14.52 0.46
C ILE A 57 18.81 15.13 1.47
N LYS A 58 18.36 15.21 2.73
CA LYS A 58 19.21 15.75 3.81
C LYS A 58 20.04 14.66 4.50
N ARG A 59 19.44 13.48 4.66
CA ARG A 59 20.14 12.31 5.15
C ARG A 59 19.69 11.07 4.39
N GLU A 60 20.63 10.31 3.84
N GLU A 60 20.64 10.32 3.82
CA GLU A 60 20.26 9.08 3.13
CA GLU A 60 20.29 9.06 3.16
C GLU A 60 19.84 7.98 4.10
C GLU A 60 19.75 8.06 4.17
N GLY A 61 18.81 7.24 3.71
CA GLY A 61 18.31 6.14 4.51
C GLY A 61 19.13 4.87 4.29
N THR A 62 18.55 3.74 4.67
CA THR A 62 19.24 2.44 4.61
C THR A 62 18.50 1.45 3.73
N GLY A 63 19.17 0.35 3.40
CA GLY A 63 18.58 -0.68 2.56
C GLY A 63 18.21 -0.18 1.19
N THR A 64 17.29 -0.87 0.53
CA THR A 64 16.94 -0.52 -0.83
C THR A 64 15.43 -0.33 -0.98
N GLU A 65 14.68 -0.90 -0.03
CA GLU A 65 13.24 -0.92 -0.11
C GLU A 65 12.61 0.45 0.18
N MET A 66 11.52 0.75 -0.53
N MET A 66 11.54 0.76 -0.55
CA MET A 66 10.76 1.97 -0.31
CA MET A 66 10.76 1.98 -0.38
C MET A 66 9.30 1.60 -0.15
C MET A 66 9.30 1.60 -0.15
N PRO A 67 8.52 2.45 0.52
CA PRO A 67 7.08 2.17 0.71
C PRO A 67 6.38 2.00 -0.63
N MET A 68 5.42 1.08 -0.66
N MET A 68 5.46 1.04 -0.68
CA MET A 68 4.66 0.80 -1.86
CA MET A 68 4.66 0.81 -1.88
C MET A 68 3.23 1.28 -1.64
C MET A 68 3.21 1.19 -1.64
N ILE A 69 2.46 1.38 -2.72
CA ILE A 69 1.06 1.82 -2.64
C ILE A 69 0.34 0.86 -1.71
N GLY A 70 -0.47 1.39 -0.80
CA GLY A 70 -1.21 0.56 0.15
C GLY A 70 -0.50 0.36 1.49
N ASP A 71 0.82 0.51 1.52
CA ASP A 71 1.59 0.32 2.76
C ASP A 71 1.26 1.42 3.76
N ARG A 72 1.27 1.08 5.04
N ARG A 72 1.28 1.09 5.04
CA ARG A 72 1.15 2.08 6.10
CA ARG A 72 1.13 2.13 6.06
C ARG A 72 2.53 2.66 6.36
C ARG A 72 2.49 2.63 6.47
N VAL A 73 2.60 3.96 6.53
N VAL A 73 2.70 3.93 6.33
CA VAL A 73 3.87 4.65 6.60
CA VAL A 73 3.97 4.52 6.66
C VAL A 73 3.91 5.56 7.84
C VAL A 73 3.88 5.31 7.97
N PHE A 74 5.06 5.58 8.54
CA PHE A 74 5.23 6.32 9.80
C PHE A 74 6.36 7.31 9.64
N VAL A 75 6.04 8.59 9.81
CA VAL A 75 7.00 9.67 9.57
C VAL A 75 6.90 10.72 10.70
N HIS A 76 7.94 11.53 10.81
CA HIS A 76 7.79 12.85 11.44
C HIS A 76 7.99 13.88 10.36
N TYR A 77 7.28 15.00 10.47
CA TYR A 77 7.41 16.05 9.48
C TYR A 77 7.31 17.42 10.15
N THR A 78 7.85 18.40 9.44
CA THR A 78 7.57 19.81 9.68
C THR A 78 7.15 20.43 8.34
N GLY A 79 6.18 21.35 8.40
CA GLY A 79 5.68 22.02 7.19
C GLY A 79 5.83 23.53 7.32
N TRP A 80 6.36 24.14 6.27
CA TRP A 80 6.49 25.60 6.20
C TRP A 80 5.88 26.11 4.90
N LEU A 81 5.38 27.34 4.92
CA LEU A 81 5.13 28.05 3.69
C LEU A 81 6.47 28.42 3.07
N LEU A 82 6.44 28.81 1.79
CA LEU A 82 7.68 29.17 1.10
C LEU A 82 8.49 30.29 1.77
N ASP A 83 7.79 31.22 2.43
CA ASP A 83 8.48 32.31 3.12
C ASP A 83 9.14 31.89 4.45
N GLY A 84 8.96 30.62 4.81
CA GLY A 84 9.58 30.06 6.01
C GLY A 84 8.67 30.04 7.21
N THR A 85 7.41 30.47 7.04
CA THR A 85 6.42 30.40 8.12
C THR A 85 6.11 28.95 8.41
N LYS A 86 6.42 28.53 9.63
CA LYS A 86 6.06 27.17 10.05
C LYS A 86 4.57 27.09 10.35
N PHE A 87 3.90 26.11 9.73
CA PHE A 87 2.47 25.93 10.01
C PHE A 87 2.13 24.68 10.83
N ASP A 88 3.02 23.68 10.85
CA ASP A 88 2.77 22.48 11.66
C ASP A 88 3.99 21.60 11.77
N SER A 89 4.05 20.85 12.87
CA SER A 89 5.02 19.73 13.00
C SER A 89 4.48 18.60 13.85
N SER A 90 4.65 17.37 13.37
CA SER A 90 4.31 16.20 14.17
C SER A 90 5.23 16.04 15.38
N LEU A 91 6.41 16.64 15.32
CA LEU A 91 7.36 16.63 16.44
C LEU A 91 6.78 17.32 17.68
N ASP A 92 5.79 18.18 17.46
CA ASP A 92 5.18 18.96 18.53
C ASP A 92 4.12 18.16 19.30
N ARG A 93 3.88 16.94 18.81
CA ARG A 93 2.90 16.02 19.37
C ARG A 93 3.57 14.72 19.80
N LYS A 94 2.82 13.84 20.46
CA LYS A 94 3.38 12.62 21.04
C LYS A 94 3.70 11.53 19.99
N ASP A 95 2.85 11.39 18.96
CA ASP A 95 2.98 10.30 18.01
C ASP A 95 3.52 10.71 16.64
N LYS A 96 4.14 9.75 15.96
CA LYS A 96 4.50 9.93 14.55
C LYS A 96 3.22 10.06 13.74
N PHE A 97 3.32 10.70 12.59
CA PHE A 97 2.22 10.82 11.67
C PHE A 97 2.20 9.53 10.83
N SER A 98 1.02 8.93 10.68
CA SER A 98 0.92 7.73 9.85
C SER A 98 -0.21 7.84 8.85
N PHE A 99 -0.02 7.26 7.66
CA PHE A 99 -1.04 7.26 6.64
C PHE A 99 -0.80 6.08 5.70
N ASP A 100 -1.80 5.80 4.87
CA ASP A 100 -1.67 4.72 3.90
C ASP A 100 -1.31 5.33 2.55
N LEU A 101 -0.20 4.84 1.98
CA LEU A 101 0.37 5.47 0.80
C LEU A 101 -0.43 5.22 -0.49
N GLY A 102 -0.52 6.26 -1.34
CA GLY A 102 -1.03 6.13 -2.72
C GLY A 102 -2.53 6.05 -2.87
N LYS A 103 -3.26 6.51 -1.84
CA LYS A 103 -4.72 6.38 -1.79
C LYS A 103 -5.45 7.72 -1.74
N GLY A 104 -4.70 8.79 -1.94
CA GLY A 104 -5.26 10.13 -1.83
C GLY A 104 -5.77 10.42 -0.42
N GLU A 105 -5.04 9.89 0.58
N GLU A 105 -5.05 9.94 0.59
CA GLU A 105 -5.24 10.15 2.03
CA GLU A 105 -5.40 10.27 1.96
C GLU A 105 -4.51 11.42 2.47
C GLU A 105 -4.42 11.34 2.53
N VAL A 106 -3.56 11.85 1.64
CA VAL A 106 -2.71 13.02 1.89
C VAL A 106 -2.60 13.78 0.58
N ILE A 107 -2.08 15.01 0.62
CA ILE A 107 -1.89 15.77 -0.64
C ILE A 107 -1.03 14.98 -1.64
N LYS A 108 -1.25 15.29 -2.92
CA LYS A 108 -0.57 14.54 -3.98
C LYS A 108 0.96 14.57 -3.85
N ALA A 109 1.53 15.71 -3.46
CA ALA A 109 2.99 15.79 -3.27
C ALA A 109 3.49 14.71 -2.30
N TRP A 110 2.70 14.40 -1.26
CA TRP A 110 3.13 13.38 -0.30
C TRP A 110 3.03 11.94 -0.84
N ASP A 111 1.96 11.65 -1.60
CA ASP A 111 1.82 10.35 -2.23
C ASP A 111 2.99 10.12 -3.20
N ILE A 112 3.37 11.19 -3.89
CA ILE A 112 4.54 11.16 -4.80
C ILE A 112 5.85 10.96 -4.00
N ALA A 113 6.07 11.82 -3.00
CA ALA A 113 7.38 11.92 -2.36
C ALA A 113 7.69 10.74 -1.44
N ILE A 114 6.73 10.31 -0.62
CA ILE A 114 7.01 9.27 0.35
C ILE A 114 7.40 7.93 -0.34
N ALA A 115 6.82 7.69 -1.52
CA ALA A 115 7.15 6.51 -2.34
C ALA A 115 8.62 6.45 -2.77
N THR A 116 9.33 7.58 -2.68
CA THR A 116 10.72 7.66 -3.15
C THR A 116 11.71 7.53 -1.98
N MET A 117 11.20 7.39 -0.76
CA MET A 117 12.03 7.44 0.46
C MET A 117 12.45 6.05 0.96
N LYS A 118 13.61 6.00 1.58
CA LYS A 118 14.09 4.80 2.27
C LYS A 118 13.93 4.96 3.78
N VAL A 119 13.90 3.86 4.52
CA VAL A 119 13.81 3.97 5.99
C VAL A 119 15.02 4.74 6.54
N GLY A 120 14.80 5.72 7.40
CA GLY A 120 15.90 6.53 7.94
C GLY A 120 16.19 7.78 7.14
N GLU A 121 15.59 7.88 5.95
CA GLU A 121 15.83 9.05 5.10
C GLU A 121 15.18 10.29 5.68
N VAL A 122 15.89 11.41 5.58
CA VAL A 122 15.29 12.73 5.83
C VAL A 122 15.37 13.52 4.53
N CYS A 123 14.24 14.03 4.05
CA CYS A 123 14.29 14.85 2.86
C CYS A 123 13.51 16.14 3.08
N HIS A 124 13.75 17.10 2.19
CA HIS A 124 12.92 18.29 2.08
C HIS A 124 12.21 18.23 0.73
N ILE A 125 10.91 18.48 0.76
CA ILE A 125 10.14 18.53 -0.47
C ILE A 125 9.45 19.88 -0.65
N THR A 126 9.63 20.47 -1.83
CA THR A 126 8.98 21.75 -2.17
C THR A 126 7.83 21.42 -3.10
N CYS A 127 6.62 21.83 -2.72
CA CYS A 127 5.39 21.34 -3.33
C CYS A 127 4.60 22.50 -3.89
N LYS A 128 4.44 22.54 -5.21
CA LYS A 128 3.63 23.58 -5.86
C LYS A 128 2.14 23.38 -5.45
N PRO A 129 1.33 24.47 -5.47
CA PRO A 129 -0.06 24.35 -4.99
C PRO A 129 -0.89 23.27 -5.71
N GLU A 130 -0.60 23.03 -6.99
CA GLU A 130 -1.25 21.96 -7.77
C GLU A 130 -1.09 20.56 -7.16
N TYR A 131 -0.04 20.38 -6.36
CA TYR A 131 0.24 19.11 -5.69
C TYR A 131 -0.02 19.20 -4.18
N ALA A 132 -0.65 20.29 -3.78
CA ALA A 132 -0.97 20.50 -2.38
C ALA A 132 -2.42 20.99 -2.25
N TYR A 133 -2.64 22.22 -1.80
CA TYR A 133 -4.00 22.71 -1.51
C TYR A 133 -4.61 23.62 -2.58
N GLY A 134 -3.88 23.84 -3.69
CA GLY A 134 -4.46 24.54 -4.84
C GLY A 134 -4.98 25.92 -4.52
N SER A 135 -6.03 26.34 -5.22
CA SER A 135 -6.62 27.65 -4.99
C SER A 135 -7.42 27.72 -3.69
N ALA A 136 -7.94 26.59 -3.21
CA ALA A 136 -8.71 26.58 -1.97
C ALA A 136 -7.83 26.94 -0.77
N GLY A 137 -6.62 26.40 -0.74
CA GLY A 137 -5.79 26.52 0.44
C GLY A 137 -6.39 25.69 1.56
N SER A 138 -5.98 26.00 2.79
CA SER A 138 -6.48 25.30 3.96
C SER A 138 -6.45 26.28 5.11
N PRO A 139 -7.43 27.21 5.16
CA PRO A 139 -7.40 28.28 6.15
C PRO A 139 -7.52 27.73 7.57
N PRO A 140 -6.92 28.43 8.55
CA PRO A 140 -6.15 29.67 8.40
C PRO A 140 -4.68 29.47 8.04
N LYS A 141 -4.17 28.25 8.21
CA LYS A 141 -2.75 27.94 8.06
C LYS A 141 -2.19 28.14 6.64
N ILE A 142 -2.95 27.69 5.64
CA ILE A 142 -2.46 27.63 4.27
C ILE A 142 -3.27 28.57 3.38
N PRO A 143 -2.63 29.63 2.84
CA PRO A 143 -3.35 30.55 1.97
C PRO A 143 -3.62 29.92 0.57
N PRO A 144 -4.50 30.54 -0.24
CA PRO A 144 -4.67 30.04 -1.60
C PRO A 144 -3.36 30.08 -2.40
N ASN A 145 -3.19 29.10 -3.30
CA ASN A 145 -2.07 29.10 -4.25
C ASN A 145 -0.69 29.08 -3.58
N ALA A 146 -0.61 28.36 -2.47
CA ALA A 146 0.60 28.32 -1.66
C ALA A 146 1.55 27.19 -2.07
N THR A 147 2.82 27.53 -2.25
CA THR A 147 3.88 26.52 -2.36
C THR A 147 4.33 26.16 -0.95
N LEU A 148 4.46 24.87 -0.70
CA LEU A 148 4.75 24.35 0.64
C LEU A 148 6.08 23.64 0.68
N VAL A 149 6.74 23.70 1.83
CA VAL A 149 7.97 22.96 2.05
C VAL A 149 7.78 22.02 3.23
N PHE A 150 8.09 20.73 3.05
CA PHE A 150 8.04 19.80 4.19
C PHE A 150 9.40 19.16 4.39
N GLU A 151 9.84 19.07 5.65
CA GLU A 151 10.91 18.17 6.02
C GLU A 151 10.23 16.89 6.48
N VAL A 152 10.66 15.74 5.95
CA VAL A 152 10.03 14.46 6.26
C VAL A 152 11.11 13.44 6.61
N GLU A 153 10.92 12.73 7.73
CA GLU A 153 11.79 11.62 8.11
C GLU A 153 10.97 10.34 8.12
N LEU A 154 11.42 9.33 7.38
CA LEU A 154 10.68 8.07 7.29
C LEU A 154 11.22 7.12 8.34
N PHE A 155 10.34 6.63 9.23
CA PHE A 155 10.79 5.71 10.29
C PHE A 155 10.51 4.25 9.99
N GLU A 156 9.37 3.99 9.36
CA GLU A 156 8.88 2.62 9.22
C GLU A 156 7.82 2.58 8.15
N PHE A 157 7.72 1.43 7.48
CA PHE A 157 6.53 1.16 6.70
C PHE A 157 6.22 -0.32 6.78
N LYS A 158 4.97 -0.66 6.56
CA LYS A 158 4.58 -2.06 6.64
C LYS A 158 3.41 -2.34 5.72
N GLY A 159 3.19 -3.60 5.41
CA GLY A 159 2.10 -3.97 4.54
C GLY A 159 0.73 -3.67 5.14
N GLU A 160 -0.26 -3.63 4.26
CA GLU A 160 -1.63 -3.30 4.63
C GLU A 160 -2.29 -4.54 5.24
N ASP A 161 -2.90 -4.34 6.41
CA ASP A 161 -3.66 -5.40 7.06
C ASP A 161 -5.06 -5.31 6.47
N LEU A 162 -5.45 -6.35 5.73
CA LEU A 162 -6.75 -6.36 5.05
C LEU A 162 -7.87 -6.92 5.92
N THR A 163 -7.54 -7.39 7.13
CA THR A 163 -8.57 -8.04 7.99
C THR A 163 -9.53 -7.06 8.59
N GLU A 164 -10.76 -7.52 8.79
CA GLU A 164 -11.77 -6.72 9.48
C GLU A 164 -11.41 -6.52 10.95
N GLU A 165 -10.84 -7.54 11.58
CA GLU A 165 -10.44 -7.43 12.99
C GLU A 165 -9.15 -6.63 13.18
N GLU A 166 -8.43 -6.38 12.09
CA GLU A 166 -7.10 -5.73 12.19
C GLU A 166 -6.18 -6.51 13.12
N ASP A 167 -6.12 -7.83 12.90
CA ASP A 167 -5.32 -8.75 13.70
C ASP A 167 -4.07 -9.24 12.98
N GLY A 168 -3.74 -8.61 11.85
CA GLY A 168 -2.55 -8.95 11.06
C GLY A 168 -2.65 -10.26 10.31
N GLY A 169 -3.86 -10.85 10.28
CA GLY A 169 -4.12 -12.14 9.64
C GLY A 169 -3.97 -12.22 8.12
N ILE A 170 -4.16 -11.08 7.45
CA ILE A 170 -3.98 -10.95 5.99
C ILE A 170 -3.22 -9.66 5.73
N ILE A 171 -1.99 -9.79 5.25
N ILE A 171 -1.99 -9.77 5.27
CA ILE A 171 -1.12 -8.65 5.01
CA ILE A 171 -1.16 -8.59 5.01
C ILE A 171 -0.83 -8.61 3.51
C ILE A 171 -0.75 -8.57 3.56
N ARG A 172 -1.01 -7.44 2.90
CA ARG A 172 -0.73 -7.29 1.46
C ARG A 172 0.45 -6.35 1.19
N ARG A 173 1.27 -6.71 0.20
CA ARG A 173 2.28 -5.81 -0.33
C ARG A 173 1.97 -5.71 -1.83
N ILE A 174 1.50 -4.55 -2.27
CA ILE A 174 1.23 -4.36 -3.69
C ILE A 174 2.56 -4.22 -4.43
N GLN A 175 2.75 -5.06 -5.43
CA GLN A 175 3.93 -5.00 -6.33
C GLN A 175 3.70 -4.01 -7.46
N THR A 176 2.58 -4.18 -8.14
CA THR A 176 2.18 -3.29 -9.21
C THR A 176 0.71 -2.97 -9.04
N ARG A 177 0.41 -1.67 -9.08
N ARG A 177 0.37 -1.69 -9.03
CA ARG A 177 -0.96 -1.16 -8.98
CA ARG A 177 -1.01 -1.30 -8.84
C ARG A 177 -1.80 -1.63 -10.18
C ARG A 177 -1.81 -1.55 -10.13
N GLY A 178 -3.09 -1.85 -9.94
CA GLY A 178 -4.00 -2.16 -11.02
C GLY A 178 -4.46 -0.93 -11.78
N GLU A 179 -5.50 -1.13 -12.59
CA GLU A 179 -6.08 -0.09 -13.43
C GLU A 179 -7.24 0.66 -12.73
N GLY A 180 -8.48 0.30 -13.03
CA GLY A 180 -9.59 1.00 -12.41
C GLY A 180 -9.58 0.84 -10.90
N TYR A 181 -10.36 1.67 -10.23
CA TYR A 181 -10.50 1.55 -8.80
C TYR A 181 -11.50 0.45 -8.38
N ALA A 182 -12.25 -0.08 -9.33
CA ALA A 182 -13.31 -1.06 -8.99
C ALA A 182 -12.66 -2.34 -8.42
N LYS A 183 -13.36 -2.96 -7.47
CA LYS A 183 -12.87 -4.23 -6.87
C LYS A 183 -13.98 -5.27 -6.91
N PRO A 184 -13.59 -6.55 -7.00
CA PRO A 184 -14.58 -7.61 -7.02
C PRO A 184 -15.33 -7.69 -5.70
N ASN A 185 -16.62 -7.97 -5.79
N ASN A 185 -16.63 -7.95 -5.80
CA ASN A 185 -17.43 -8.16 -4.60
CA ASN A 185 -17.52 -8.12 -4.65
C ASN A 185 -17.81 -9.63 -4.47
C ASN A 185 -17.97 -9.57 -4.56
N GLU A 186 -18.62 -9.96 -3.46
CA GLU A 186 -19.12 -11.32 -3.32
C GLU A 186 -19.93 -11.68 -4.56
N GLY A 187 -19.68 -12.88 -5.10
CA GLY A 187 -20.40 -13.33 -6.27
C GLY A 187 -19.80 -12.88 -7.59
N ALA A 188 -18.79 -11.99 -7.56
CA ALA A 188 -18.14 -11.59 -8.81
C ALA A 188 -17.41 -12.80 -9.38
N ILE A 189 -17.36 -12.90 -10.71
CA ILE A 189 -16.54 -13.92 -11.36
C ILE A 189 -15.20 -13.26 -11.62
N VAL A 190 -14.16 -13.85 -11.04
CA VAL A 190 -12.81 -13.30 -11.18
C VAL A 190 -11.92 -14.23 -12.01
N GLU A 191 -10.97 -13.64 -12.73
N GLU A 191 -10.98 -13.63 -12.74
CA GLU A 191 -9.88 -14.40 -13.32
CA GLU A 191 -9.96 -14.40 -13.45
C GLU A 191 -8.60 -14.03 -12.57
C GLU A 191 -8.64 -14.02 -12.81
N VAL A 192 -7.91 -15.05 -12.08
N VAL A 192 -8.00 -15.00 -12.18
CA VAL A 192 -6.78 -14.82 -11.18
CA VAL A 192 -6.79 -14.75 -11.39
C VAL A 192 -5.66 -15.80 -11.50
C VAL A 192 -5.69 -15.72 -11.80
N ALA A 193 -4.44 -15.26 -11.63
CA ALA A 193 -3.24 -16.09 -11.66
C ALA A 193 -2.65 -16.09 -10.27
N LEU A 194 -2.38 -17.27 -9.72
CA LEU A 194 -1.97 -17.32 -8.32
C LEU A 194 -0.83 -18.30 -8.17
N GLU A 195 0.06 -17.97 -7.23
CA GLU A 195 1.11 -18.89 -6.80
C GLU A 195 1.09 -18.92 -5.28
N GLY A 196 0.94 -20.12 -4.70
CA GLY A 196 0.94 -20.30 -3.25
C GLY A 196 2.23 -20.90 -2.79
N TYR A 197 2.80 -20.30 -1.74
CA TYR A 197 4.06 -20.78 -1.16
C TYR A 197 3.90 -21.12 0.30
N TYR A 198 4.55 -22.21 0.71
CA TYR A 198 4.64 -22.53 2.12
C TYR A 198 6.12 -22.68 2.42
N LYS A 199 6.62 -21.85 3.33
CA LYS A 199 8.04 -21.78 3.63
C LYS A 199 8.88 -21.63 2.35
N ASP A 200 8.40 -20.73 1.49
CA ASP A 200 9.02 -20.39 0.20
C ASP A 200 9.08 -21.51 -0.84
N LYS A 201 8.35 -22.60 -0.57
CA LYS A 201 8.20 -23.66 -1.54
C LYS A 201 6.84 -23.59 -2.22
N LEU A 202 6.83 -23.59 -3.55
CA LEU A 202 5.59 -23.46 -4.32
C LEU A 202 4.74 -24.70 -4.15
N PHE A 203 3.47 -24.57 -3.75
CA PHE A 203 2.57 -25.72 -3.65
C PHE A 203 1.36 -25.66 -4.58
N ASP A 204 1.10 -24.49 -5.14
CA ASP A 204 -0.07 -24.30 -6.01
C ASP A 204 0.25 -23.22 -7.01
N GLN A 205 0.06 -23.51 -8.29
CA GLN A 205 0.20 -22.44 -9.30
C GLN A 205 -0.81 -22.68 -10.38
N ARG A 206 -1.78 -21.77 -10.49
CA ARG A 206 -2.90 -21.94 -11.43
C ARG A 206 -3.41 -20.61 -11.93
N GLU A 207 -4.04 -20.63 -13.10
CA GLU A 207 -4.83 -19.51 -13.58
C GLU A 207 -6.28 -20.01 -13.59
N LEU A 208 -7.11 -19.35 -12.78
CA LEU A 208 -8.49 -19.81 -12.50
C LEU A 208 -9.50 -18.77 -12.91
N ARG A 209 -10.72 -19.23 -13.18
CA ARG A 209 -11.87 -18.34 -13.31
C ARG A 209 -12.91 -18.91 -12.34
N PHE A 210 -13.31 -18.12 -11.35
CA PHE A 210 -14.28 -18.63 -10.39
C PHE A 210 -15.08 -17.52 -9.74
N GLU A 211 -16.16 -17.90 -9.08
CA GLU A 211 -17.04 -16.97 -8.40
C GLU A 211 -16.53 -16.76 -6.99
N ILE A 212 -16.34 -15.49 -6.61
CA ILE A 212 -16.01 -15.17 -5.21
C ILE A 212 -17.11 -15.71 -4.31
N GLY A 213 -16.69 -16.53 -3.36
CA GLY A 213 -17.60 -17.19 -2.43
C GLY A 213 -17.53 -18.67 -2.66
N GLU A 214 -16.94 -19.06 -3.79
CA GLU A 214 -16.88 -20.47 -4.14
C GLU A 214 -15.44 -21.00 -4.22
N GLY A 215 -14.49 -20.22 -3.70
CA GLY A 215 -13.08 -20.60 -3.74
C GLY A 215 -12.73 -21.84 -2.95
N GLU A 216 -13.48 -22.13 -1.89
CA GLU A 216 -13.17 -23.30 -1.06
C GLU A 216 -13.13 -24.60 -1.88
N ASN A 217 -14.10 -24.74 -2.79
CA ASN A 217 -14.19 -25.92 -3.63
C ASN A 217 -13.03 -26.06 -4.63
N LEU A 218 -12.27 -24.98 -4.80
CA LEU A 218 -11.10 -24.94 -5.67
C LEU A 218 -9.79 -24.93 -4.88
N ASP A 219 -9.88 -25.29 -3.60
CA ASP A 219 -8.70 -25.38 -2.70
C ASP A 219 -8.02 -24.04 -2.51
N LEU A 220 -8.84 -22.99 -2.50
CA LEU A 220 -8.32 -21.66 -2.18
C LEU A 220 -8.68 -21.33 -0.76
N PRO A 221 -7.73 -20.81 0.03
CA PRO A 221 -8.09 -20.52 1.42
C PRO A 221 -8.96 -19.26 1.51
N TYR A 222 -9.79 -19.18 2.55
CA TYR A 222 -10.75 -18.09 2.72
C TYR A 222 -10.07 -16.72 2.63
N GLY A 223 -8.94 -16.58 3.33
CA GLY A 223 -8.22 -15.31 3.34
C GLY A 223 -7.79 -14.81 1.96
N LEU A 224 -7.52 -15.74 1.04
CA LEU A 224 -7.13 -15.41 -0.33
C LEU A 224 -8.33 -14.79 -1.03
N GLU A 225 -9.53 -15.36 -0.81
CA GLU A 225 -10.72 -14.79 -1.47
C GLU A 225 -11.01 -13.40 -0.92
N ARG A 226 -10.83 -13.23 0.39
CA ARG A 226 -11.03 -11.91 1.00
C ARG A 226 -10.01 -10.91 0.42
N ALA A 227 -8.78 -11.36 0.23
CA ALA A 227 -7.73 -10.50 -0.37
C ALA A 227 -8.11 -10.05 -1.79
N ILE A 228 -8.61 -11.00 -2.59
CA ILE A 228 -9.01 -10.72 -3.97
C ILE A 228 -10.07 -9.63 -4.01
N GLN A 229 -10.97 -9.63 -3.03
CA GLN A 229 -12.00 -8.59 -2.93
C GLN A 229 -11.49 -7.18 -2.64
N ARG A 230 -10.20 -7.07 -2.29
CA ARG A 230 -9.57 -5.77 -2.10
C ARG A 230 -8.66 -5.36 -3.27
N MET A 231 -8.54 -6.23 -4.28
CA MET A 231 -7.64 -6.02 -5.44
C MET A 231 -8.35 -5.33 -6.61
N GLU A 232 -7.56 -4.62 -7.44
CA GLU A 232 -8.08 -3.95 -8.65
C GLU A 232 -7.62 -4.73 -9.89
N LYS A 233 -8.34 -4.56 -11.02
CA LYS A 233 -7.98 -5.24 -12.26
C LYS A 233 -6.54 -4.92 -12.60
N GLY A 234 -5.75 -5.97 -12.84
CA GLY A 234 -4.38 -5.78 -13.31
C GLY A 234 -3.39 -5.72 -12.14
N GLU A 235 -3.89 -5.73 -10.91
CA GLU A 235 -2.99 -5.59 -9.74
C GLU A 235 -2.20 -6.87 -9.53
N HIS A 236 -0.93 -6.72 -9.18
CA HIS A 236 -0.07 -7.84 -8.80
C HIS A 236 0.34 -7.57 -7.35
N SER A 237 -0.04 -8.49 -6.47
CA SER A 237 0.24 -8.32 -5.03
C SER A 237 0.77 -9.58 -4.40
N ILE A 238 1.46 -9.42 -3.28
CA ILE A 238 1.84 -10.55 -2.44
C ILE A 238 0.95 -10.47 -1.20
N VAL A 239 0.42 -11.62 -0.79
CA VAL A 239 -0.53 -11.65 0.33
C VAL A 239 -0.05 -12.73 1.31
N TYR A 240 0.16 -12.32 2.56
CA TYR A 240 0.59 -13.23 3.62
C TYR A 240 -0.61 -13.57 4.47
N LEU A 241 -0.84 -14.87 4.65
CA LEU A 241 -1.98 -15.38 5.43
C LEU A 241 -1.52 -16.11 6.70
N LYS A 242 -2.04 -15.67 7.83
CA LYS A 242 -1.91 -16.43 9.05
C LYS A 242 -2.83 -17.66 8.98
N PRO A 243 -2.51 -18.72 9.75
CA PRO A 243 -3.25 -20.01 9.63
C PRO A 243 -4.79 -19.84 9.74
N SER A 244 -5.23 -18.93 10.62
CA SER A 244 -6.67 -18.70 10.84
C SER A 244 -7.39 -18.23 9.59
N TYR A 245 -6.65 -17.57 8.71
CA TYR A 245 -7.19 -17.08 7.43
C TYR A 245 -6.76 -17.97 6.27
N ALA A 246 -6.09 -19.07 6.59
CA ALA A 246 -5.61 -19.97 5.55
C ALA A 246 -6.30 -21.32 5.78
N PHE A 247 -5.54 -22.40 5.95
CA PHE A 247 -6.14 -23.72 6.15
C PHE A 247 -6.23 -24.18 7.62
N GLY A 248 -5.93 -23.26 8.54
CA GLY A 248 -6.15 -23.50 9.96
C GLY A 248 -5.52 -24.77 10.51
N SER A 249 -6.22 -25.41 11.46
CA SER A 249 -5.69 -26.58 12.12
C SER A 249 -5.80 -27.84 11.27
N VAL A 250 -6.62 -27.77 10.22
CA VAL A 250 -6.79 -28.90 9.29
C VAL A 250 -5.60 -29.05 8.32
N GLY A 251 -5.09 -27.94 7.81
CA GLY A 251 -4.04 -28.01 6.80
C GLY A 251 -4.61 -28.35 5.43
N LYS A 252 -3.72 -28.62 4.48
CA LYS A 252 -4.16 -29.09 3.17
C LYS A 252 -3.17 -30.16 2.69
N GLU A 253 -3.49 -31.40 3.04
CA GLU A 253 -2.60 -32.52 2.81
C GLU A 253 -2.12 -32.64 1.38
N LYS A 254 -3.01 -32.46 0.40
CA LYS A 254 -2.60 -32.61 -0.99
C LYS A 254 -1.62 -31.55 -1.47
N PHE A 255 -1.52 -30.45 -0.74
CA PHE A 255 -0.54 -29.38 -1.00
C PHE A 255 0.65 -29.45 -0.07
N GLN A 256 0.72 -30.51 0.72
CA GLN A 256 1.79 -30.71 1.72
C GLN A 256 1.82 -29.56 2.75
N ILE A 257 0.63 -29.06 3.09
CA ILE A 257 0.52 -27.98 4.06
C ILE A 257 0.02 -28.57 5.39
N PRO A 258 0.83 -28.47 6.45
CA PRO A 258 0.47 -29.02 7.73
C PRO A 258 -0.51 -28.13 8.48
N PRO A 259 -1.10 -28.65 9.58
CA PRO A 259 -1.85 -27.78 10.48
C PRO A 259 -1.08 -26.52 10.89
N ASN A 260 -1.81 -25.41 11.01
N ASN A 260 -1.80 -25.41 11.05
CA ASN A 260 -1.32 -24.17 11.59
CA ASN A 260 -1.28 -24.18 11.63
C ASN A 260 -0.19 -23.54 10.77
C ASN A 260 -0.17 -23.53 10.78
N ALA A 261 -0.35 -23.60 9.46
CA ALA A 261 0.65 -23.10 8.50
C ALA A 261 0.35 -21.67 8.05
N GLU A 262 1.36 -20.80 8.15
CA GLU A 262 1.29 -19.51 7.47
C GLU A 262 1.64 -19.67 5.98
N LEU A 263 0.90 -18.96 5.13
CA LEU A 263 1.08 -19.10 3.68
C LEU A 263 1.38 -17.75 3.04
N LYS A 264 2.02 -17.77 1.87
CA LYS A 264 2.28 -16.57 1.12
C LYS A 264 1.80 -16.82 -0.31
N TYR A 265 0.96 -15.92 -0.84
CA TYR A 265 0.53 -16.00 -2.22
C TYR A 265 0.99 -14.81 -3.02
N GLU A 266 1.37 -15.09 -4.27
CA GLU A 266 1.55 -14.04 -5.28
C GLU A 266 0.31 -14.11 -6.17
N LEU A 267 -0.40 -12.99 -6.29
CA LEU A 267 -1.71 -12.94 -6.95
C LEU A 267 -1.72 -11.88 -8.04
N HIS A 268 -2.27 -12.22 -9.20
CA HIS A 268 -2.51 -11.25 -10.26
C HIS A 268 -4.01 -11.29 -10.51
N LEU A 269 -4.72 -10.19 -10.29
CA LEU A 269 -6.14 -10.17 -10.64
C LEU A 269 -6.21 -9.76 -12.12
N LYS A 270 -6.54 -10.71 -13.00
CA LYS A 270 -6.51 -10.42 -14.44
C LYS A 270 -7.72 -9.62 -14.87
N SER A 271 -8.89 -10.03 -14.40
CA SER A 271 -10.14 -9.39 -14.77
C SER A 271 -11.24 -9.87 -13.83
N PHE A 272 -12.36 -9.17 -13.86
CA PHE A 272 -13.53 -9.63 -13.16
C PHE A 272 -14.78 -8.99 -13.70
N GLU A 273 -15.89 -9.66 -13.47
CA GLU A 273 -17.20 -9.09 -13.77
C GLU A 273 -17.96 -9.11 -12.46
N LYS A 274 -18.40 -7.93 -12.03
CA LYS A 274 -19.00 -7.76 -10.70
C LYS A 274 -20.32 -8.51 -10.58
N ALA A 275 -20.89 -8.43 -9.37
CA ALA A 275 -22.28 -8.81 -9.03
C ALA A 275 -22.31 -10.17 -8.36
O42 I63 B . -2.79 14.70 12.24
C40 I63 B . -3.57 15.59 11.82
O41 I63 B . -3.30 16.81 11.93
C39 I63 B . -4.87 15.18 11.14
O38 I63 B . -5.02 15.81 9.85
C26 I63 B . -4.74 15.15 8.65
C25 I63 B . -4.50 15.91 7.51
C27 I63 B . -4.72 13.75 8.58
C28 I63 B . -4.46 13.09 7.37
C29 I63 B . -4.20 13.86 6.24
C24 I63 B . -4.23 15.26 6.29
C15 I63 B . -3.93 16.01 5.03
C16 I63 B . -4.91 17.16 4.69
C17 I63 B . -6.24 16.66 4.13
C18 I63 B . -6.16 16.25 2.68
C23 I63 B . -6.05 14.90 2.36
C22 I63 B . -5.98 14.49 1.01
C21 I63 B . -6.02 15.45 0.00
O34 I63 B . -5.96 15.11 -1.34
C35 I63 B . -6.03 13.76 -1.80
C20 I63 B . -6.14 16.79 0.31
O36 I63 B . -6.16 17.71 -0.72
C37 I63 B . -6.18 19.12 -0.43
C19 I63 B . -6.19 17.20 1.65
O1 I63 B . -2.67 16.64 5.34
C1 I63 B . -1.65 16.55 4.35
O2 I63 B . -1.84 15.96 3.31
C2 I63 B . -0.35 17.22 4.68
N7 I63 B . -0.36 17.81 6.04
C6 I63 B . -0.28 16.86 7.17
C5 I63 B . 0.85 15.85 7.01
C4 I63 B . 0.76 15.15 5.66
C3 I63 B . 0.78 16.19 4.54
C8 I63 B . -0.45 19.15 6.18
O3 I63 B . -0.50 19.91 5.22
C9 I63 B . -0.44 19.73 7.54
O4 I63 B . 0.63 19.87 8.12
C10 I63 B . -1.69 20.21 8.23
C13 I63 B . -1.66 19.78 9.69
C14 I63 B . -2.92 19.57 7.61
C11 I63 B . -1.74 21.73 8.21
C12 I63 B . -1.98 22.31 6.82
#